data_1D7L
#
_entry.id   1D7L
#
_cell.length_a   70.802
_cell.length_b   145.477
_cell.length_c   86.966
_cell.angle_alpha   90
_cell.angle_beta   90
_cell.angle_gamma   90
#
_symmetry.space_group_name_H-M   'C 2 2 21'
#
loop_
_entity.id
_entity.type
_entity.pdbx_description
1 polymer 'P-HYDROXYBENZOATE HYDROXYLASE'
2 non-polymer 'SULFATE ION'
3 non-polymer 8-DEMETHYL-8-DIMETHYLAMINO-FLAVIN-ADENINE-DINUCLEOTIDE
4 non-polymer 'P-HYDROXYBENZOIC ACID'
5 water water
#
_entity_poly.entity_id   1
_entity_poly.type   'polypeptide(L)'
_entity_poly.pdbx_seq_one_letter_code
;MKTQVAIIGAGPSGLLLGQLLHKAGIDNVILERQTPDYVLGRIRAGVLEQGMVDLLREAGVDRRMARDGLVHEGVEIAFA
GQRRRIDLKRLSGGKTVTVYGQTEVTRDLMEAREACGATTVYQAAEVRLHDLQGERPYVTFERDGERLRLDCDYIAGCDG
FHGISRQSIPAERLKVFERVYPFGWLGLLADTPPVSHELIYANHPRGFALCSQRSATRSRYYVQVPLSEKVEDWSDERFW
TELKARLPSEVAEKLVTGPSLEKSIAPLRSFVVEPMQHGRLFLAGDAAHIVPPTGAKGLNLAASDVSTLYRLLLKAYREG
RGELLERYSAICLRRIWKAERFSWWMTSVLHRFPDTDAFSQRIQQTELEYYLGSEAGLATIAENYVGLPYEEIE
;
_entity_poly.pdbx_strand_id   A
#
loop_
_chem_comp.id
_chem_comp.type
_chem_comp.name
_chem_comp.formula
PHB non-polymer 'P-HYDROXYBENZOIC ACID' 'C7 H6 O3'
RFL non-polymer 8-DEMETHYL-8-DIMETHYLAMINO-FLAVIN-ADENINE-DINUCLEOTIDE 'C28 H36 N10 O15 P2'
SO4 non-polymer 'SULFATE ION' 'O4 S -2'
#
# COMPACT_ATOMS: atom_id res chain seq x y z
N MET A 1 8.38 -2.53 -30.59
CA MET A 1 9.00 -1.58 -29.63
C MET A 1 10.21 -2.20 -28.94
N LYS A 2 11.03 -1.34 -28.35
CA LYS A 2 12.22 -1.81 -27.64
C LYS A 2 12.54 -0.86 -26.50
N THR A 3 12.91 -1.42 -25.35
CA THR A 3 13.27 -0.63 -24.19
C THR A 3 14.24 -1.43 -23.32
N GLN A 4 14.65 -0.88 -22.19
CA GLN A 4 15.57 -1.59 -21.33
C GLN A 4 14.80 -2.35 -20.24
N VAL A 5 13.86 -1.67 -19.61
CA VAL A 5 13.05 -2.29 -18.56
C VAL A 5 11.57 -2.10 -18.89
N ALA A 6 10.87 -3.21 -19.08
CA ALA A 6 9.43 -3.16 -19.36
C ALA A 6 8.72 -3.21 -18.01
N ILE A 7 7.73 -2.34 -17.83
CA ILE A 7 6.99 -2.27 -16.58
C ILE A 7 5.51 -2.52 -16.80
N ILE A 8 4.97 -3.54 -16.15
CA ILE A 8 3.55 -3.86 -16.29
C ILE A 8 2.78 -3.22 -15.14
N GLY A 9 1.92 -2.26 -15.47
CA GLY A 9 1.11 -1.59 -14.47
C GLY A 9 1.49 -0.15 -14.18
N ALA A 10 0.53 0.76 -14.37
CA ALA A 10 0.76 2.20 -14.12
C ALA A 10 0.16 2.62 -12.78
N GLY A 11 0.32 1.76 -11.78
CA GLY A 11 -0.15 2.08 -10.45
C GLY A 11 1.02 2.74 -9.74
N PRO A 12 0.97 2.94 -8.42
CA PRO A 12 2.08 3.57 -7.69
C PRO A 12 3.43 2.90 -7.90
N SER A 13 3.43 1.57 -7.91
CA SER A 13 4.67 0.80 -8.10
C SER A 13 5.33 1.02 -9.45
N GLY A 14 4.59 0.77 -10.52
CA GLY A 14 5.14 0.95 -11.84
C GLY A 14 5.59 2.38 -12.10
N LEU A 15 4.73 3.33 -11.74
CA LEU A 15 5.04 4.74 -11.93
C LEU A 15 6.29 5.18 -11.18
N LEU A 16 6.39 4.81 -9.91
CA LEU A 16 7.55 5.19 -9.11
C LEU A 16 8.84 4.59 -9.66
N LEU A 17 8.81 3.30 -10.01
CA LEU A 17 10.00 2.65 -10.56
C LEU A 17 10.34 3.28 -11.90
N GLY A 18 9.33 3.46 -12.74
CA GLY A 18 9.55 4.07 -14.03
C GLY A 18 10.16 5.45 -13.88
N GLN A 19 9.61 6.26 -12.99
CA GLN A 19 10.12 7.61 -12.79
C GLN A 19 11.58 7.56 -12.33
N LEU A 20 11.85 6.73 -11.33
CA LEU A 20 13.20 6.58 -10.80
C LEU A 20 14.17 6.15 -11.89
N LEU A 21 13.82 5.10 -12.63
CA LEU A 21 14.68 4.61 -13.69
C LEU A 21 14.90 5.67 -14.77
N HIS A 22 13.85 6.41 -15.10
CA HIS A 22 13.96 7.44 -16.11
C HIS A 22 15.01 8.49 -15.72
N LYS A 23 14.90 9.00 -14.50
CA LYS A 23 15.85 10.00 -14.01
C LYS A 23 17.30 9.52 -13.98
N ALA A 24 17.49 8.20 -13.93
CA ALA A 24 18.83 7.63 -13.89
C ALA A 24 19.32 7.26 -15.28
N GLY A 25 18.56 7.60 -16.32
CA GLY A 25 18.95 7.30 -17.68
C GLY A 25 18.68 5.89 -18.17
N ILE A 26 17.83 5.15 -17.45
CA ILE A 26 17.50 3.78 -17.84
C ILE A 26 16.14 3.77 -18.53
N ASP A 27 16.14 3.47 -19.82
CA ASP A 27 14.91 3.45 -20.60
C ASP A 27 13.89 2.48 -20.03
N ASN A 28 12.64 2.92 -19.99
CA ASN A 28 11.56 2.08 -19.49
C ASN A 28 10.22 2.45 -20.09
N VAL A 29 9.41 1.43 -20.34
CA VAL A 29 8.07 1.60 -20.91
C VAL A 29 7.06 0.95 -19.97
N ILE A 30 5.99 1.68 -19.66
CA ILE A 30 4.96 1.15 -18.79
C ILE A 30 3.73 0.76 -19.60
N LEU A 31 3.22 -0.44 -19.33
CA LEU A 31 2.03 -0.93 -20.03
C LEU A 31 0.87 -1.05 -19.02
N GLU A 32 -0.16 -0.23 -19.18
CA GLU A 32 -1.32 -0.26 -18.29
C GLU A 32 -2.60 -0.73 -18.98
N ARG A 33 -3.27 -1.71 -18.37
CA ARG A 33 -4.52 -2.26 -18.91
C ARG A 33 -5.65 -1.23 -18.93
N GLN A 34 -5.78 -0.46 -17.86
CA GLN A 34 -6.84 0.54 -17.73
C GLN A 34 -6.51 1.90 -18.35
N THR A 35 -7.43 2.85 -18.20
CA THR A 35 -7.23 4.19 -18.70
C THR A 35 -6.69 5.04 -17.56
N PRO A 36 -6.10 6.21 -17.89
CA PRO A 36 -5.56 7.07 -16.83
C PRO A 36 -6.61 7.41 -15.76
N ASP A 37 -7.81 7.78 -16.21
CA ASP A 37 -8.90 8.15 -15.29
C ASP A 37 -9.35 7.00 -14.40
N TYR A 38 -9.32 5.79 -14.95
CA TYR A 38 -9.73 4.61 -14.19
C TYR A 38 -8.78 4.41 -13.01
N VAL A 39 -7.48 4.50 -13.28
CA VAL A 39 -6.47 4.35 -12.22
C VAL A 39 -6.67 5.42 -11.15
N LEU A 40 -6.99 6.63 -11.57
CA LEU A 40 -7.18 7.74 -10.65
C LEU A 40 -8.47 7.65 -9.83
N GLY A 41 -9.34 6.70 -10.15
CA GLY A 41 -10.56 6.57 -9.39
C GLY A 41 -10.37 5.85 -8.05
N ARG A 42 -9.23 5.18 -7.90
CA ARG A 42 -8.96 4.44 -6.66
C ARG A 42 -8.42 5.33 -5.56
N ILE A 43 -9.11 5.33 -4.42
CA ILE A 43 -8.72 6.17 -3.29
C ILE A 43 -7.55 5.54 -2.53
N ARG A 44 -7.79 4.36 -1.99
CA ARG A 44 -6.82 3.57 -1.24
C ARG A 44 -6.02 4.28 -0.15
N ALA A 45 -4.70 4.13 -0.19
CA ALA A 45 -3.77 4.67 0.80
C ALA A 45 -3.87 6.12 1.23
N GLY A 46 -3.48 6.35 2.48
CA GLY A 46 -3.48 7.68 3.06
C GLY A 46 -2.21 7.93 3.88
N VAL A 47 -1.64 6.87 4.44
CA VAL A 47 -0.45 6.99 5.26
C VAL A 47 0.81 6.50 4.54
N LEU A 48 1.83 7.37 4.51
CA LEU A 48 3.08 7.05 3.85
C LEU A 48 4.23 7.06 4.84
N GLU A 49 5.12 6.08 4.74
CA GLU A 49 6.30 6.03 5.61
C GLU A 49 7.33 7.04 5.10
N GLN A 50 8.29 7.40 5.95
CA GLN A 50 9.31 8.36 5.55
C GLN A 50 10.08 7.82 4.34
N GLY A 51 10.26 6.51 4.29
CA GLY A 51 10.96 5.89 3.19
C GLY A 51 10.27 6.16 1.87
N MET A 52 8.93 6.09 1.87
CA MET A 52 8.16 6.36 0.65
C MET A 52 8.28 7.85 0.33
N VAL A 53 8.22 8.68 1.36
CA VAL A 53 8.34 10.12 1.17
C VAL A 53 9.68 10.45 0.50
N ASP A 54 10.76 9.85 1.01
CA ASP A 54 12.09 10.10 0.45
C ASP A 54 12.20 9.62 -0.99
N LEU A 55 11.66 8.44 -1.25
CA LEU A 55 11.70 7.87 -2.59
C LEU A 55 10.99 8.78 -3.59
N LEU A 56 9.95 9.47 -3.12
CA LEU A 56 9.21 10.38 -3.98
C LEU A 56 10.07 11.59 -4.29
N ARG A 57 10.77 12.09 -3.28
CA ARG A 57 11.65 13.25 -3.47
C ARG A 57 12.78 12.86 -4.42
N GLU A 58 13.22 11.61 -4.35
CA GLU A 58 14.29 11.11 -5.20
C GLU A 58 13.78 10.96 -6.63
N ALA A 59 12.47 10.77 -6.77
CA ALA A 59 11.85 10.63 -8.07
C ALA A 59 11.59 12.03 -8.63
N GLY A 60 11.92 13.05 -7.84
CA GLY A 60 11.72 14.42 -8.25
C GLY A 60 10.25 14.82 -8.28
N VAL A 61 9.41 13.94 -7.73
CA VAL A 61 7.98 14.18 -7.72
C VAL A 61 7.49 14.38 -6.29
N ASP A 62 7.86 15.49 -5.66
CA ASP A 62 7.44 15.71 -4.29
C ASP A 62 6.94 17.11 -3.99
N ARG A 63 6.90 17.97 -5.01
CA ARG A 63 6.45 19.35 -4.82
C ARG A 63 5.10 19.43 -4.11
N ARG A 64 4.08 18.81 -4.69
CA ARG A 64 2.74 18.84 -4.11
C ARG A 64 2.65 18.20 -2.74
N MET A 65 3.25 17.03 -2.57
CA MET A 65 3.21 16.35 -1.28
C MET A 65 3.81 17.25 -0.19
N ALA A 66 4.92 17.91 -0.51
CA ALA A 66 5.56 18.79 0.45
C ALA A 66 4.62 19.91 0.87
N ARG A 67 3.84 20.40 -0.09
CA ARG A 67 2.90 21.50 0.15
C ARG A 67 1.56 21.10 0.77
N ASP A 68 0.97 20.01 0.26
CA ASP A 68 -0.33 19.53 0.71
C ASP A 68 -0.34 18.41 1.75
N GLY A 69 0.77 17.67 1.84
CA GLY A 69 0.83 16.58 2.79
C GLY A 69 0.92 17.01 4.23
N LEU A 70 0.47 16.15 5.15
CA LEU A 70 0.53 16.48 6.57
C LEU A 70 1.40 15.47 7.31
N VAL A 71 2.37 15.96 8.05
CA VAL A 71 3.22 15.08 8.83
C VAL A 71 2.53 14.81 10.17
N HIS A 72 2.40 13.54 10.52
CA HIS A 72 1.78 13.17 11.79
C HIS A 72 2.85 12.58 12.72
N GLU A 73 2.84 13.04 13.96
CA GLU A 73 3.82 12.59 14.94
C GLU A 73 3.23 11.57 15.90
N GLY A 74 1.95 11.26 15.74
CA GLY A 74 1.33 10.30 16.62
C GLY A 74 0.02 9.78 16.10
N VAL A 75 -0.48 8.72 16.73
CA VAL A 75 -1.75 8.11 16.36
C VAL A 75 -2.43 7.70 17.66
N GLU A 76 -3.75 7.57 17.62
CA GLU A 76 -4.48 7.19 18.81
C GLU A 76 -5.17 5.86 18.63
N ILE A 77 -5.29 5.12 19.74
CA ILE A 77 -5.98 3.85 19.74
C ILE A 77 -7.00 3.92 20.87
N ALA A 78 -8.25 3.67 20.53
CA ALA A 78 -9.33 3.69 21.50
C ALA A 78 -9.81 2.27 21.72
N PHE A 79 -9.99 1.90 22.99
CA PHE A 79 -10.46 0.56 23.33
C PHE A 79 -10.90 0.55 24.79
N ALA A 80 -11.87 -0.29 25.10
CA ALA A 80 -12.38 -0.41 26.47
C ALA A 80 -12.54 0.93 27.17
N GLY A 81 -13.26 1.86 26.54
CA GLY A 81 -13.49 3.16 27.13
C GLY A 81 -12.24 3.98 27.42
N GLN A 82 -11.13 3.63 26.79
CA GLN A 82 -9.90 4.37 26.99
C GLN A 82 -9.42 4.92 25.66
N ARG A 83 -8.53 5.91 25.71
CA ARG A 83 -7.97 6.53 24.52
C ARG A 83 -6.48 6.68 24.78
N ARG A 84 -5.67 5.89 24.09
CA ARG A 84 -4.23 5.94 24.27
C ARG A 84 -3.49 6.46 23.05
N ARG A 85 -2.75 7.55 23.24
CA ARG A 85 -1.98 8.14 22.16
C ARG A 85 -0.62 7.48 22.06
N ILE A 86 -0.21 7.15 20.84
CA ILE A 86 1.09 6.56 20.61
C ILE A 86 1.96 7.65 20.01
N ASP A 87 2.85 8.22 20.82
CA ASP A 87 3.73 9.28 20.32
C ASP A 87 4.79 8.68 19.42
N LEU A 88 4.49 8.59 18.13
CA LEU A 88 5.39 8.02 17.14
C LEU A 88 6.78 8.67 17.09
N LYS A 89 6.82 9.99 17.10
CA LYS A 89 8.10 10.69 17.02
C LYS A 89 9.00 10.35 18.20
N ARG A 90 8.44 10.38 19.40
CA ARG A 90 9.21 10.09 20.60
C ARG A 90 9.61 8.61 20.70
N LEU A 91 8.64 7.71 20.57
CA LEU A 91 8.91 6.29 20.69
C LEU A 91 9.77 5.69 19.59
N SER A 92 9.68 6.21 18.37
CA SER A 92 10.46 5.67 17.26
C SER A 92 11.84 6.31 17.12
N GLY A 93 12.13 7.26 17.99
CA GLY A 93 13.41 7.94 17.91
C GLY A 93 13.43 9.11 16.97
N GLY A 94 12.27 9.70 16.70
CA GLY A 94 12.21 10.85 15.83
C GLY A 94 11.56 10.64 14.48
N LYS A 95 11.20 9.40 14.16
CA LYS A 95 10.56 9.09 12.88
C LYS A 95 9.08 9.45 12.90
N THR A 96 8.54 9.75 11.72
CA THR A 96 7.13 10.11 11.59
C THR A 96 6.57 9.49 10.32
N VAL A 97 5.31 9.80 10.03
CA VAL A 97 4.67 9.33 8.81
C VAL A 97 3.98 10.54 8.21
N THR A 98 3.65 10.47 6.92
CA THR A 98 2.99 11.58 6.25
C THR A 98 1.65 11.14 5.67
N VAL A 99 0.65 11.98 5.85
CA VAL A 99 -0.66 11.68 5.29
C VAL A 99 -0.78 12.42 3.96
N TYR A 100 -0.85 11.65 2.87
CA TYR A 100 -0.98 12.20 1.53
C TYR A 100 -1.60 11.07 0.72
N GLY A 101 -2.79 11.33 0.19
CA GLY A 101 -3.54 10.34 -0.58
C GLY A 101 -2.80 9.62 -1.69
N GLN A 102 -3.11 8.34 -1.84
CA GLN A 102 -2.47 7.53 -2.88
C GLN A 102 -2.87 8.10 -4.24
N THR A 103 -4.10 8.59 -4.32
CA THR A 103 -4.60 9.19 -5.56
C THR A 103 -3.70 10.34 -6.00
N GLU A 104 -3.39 11.23 -5.05
CA GLU A 104 -2.53 12.38 -5.33
C GLU A 104 -1.14 11.93 -5.74
N VAL A 105 -0.57 11.00 -4.99
CA VAL A 105 0.75 10.47 -5.32
C VAL A 105 0.75 9.94 -6.75
N THR A 106 -0.22 9.08 -7.05
CA THR A 106 -0.33 8.49 -8.38
C THR A 106 -0.42 9.60 -9.42
N ARG A 107 -1.28 10.58 -9.14
CA ARG A 107 -1.47 11.73 -10.01
C ARG A 107 -0.18 12.52 -10.20
N ASP A 108 0.51 12.80 -9.10
CA ASP A 108 1.77 13.55 -9.18
C ASP A 108 2.75 12.81 -10.08
N LEU A 109 2.83 11.50 -9.92
CA LEU A 109 3.74 10.69 -10.72
C LEU A 109 3.37 10.65 -12.20
N MET A 110 2.08 10.53 -12.48
CA MET A 110 1.59 10.48 -13.85
C MET A 110 1.92 11.76 -14.60
N GLU A 111 1.60 12.91 -14.00
CA GLU A 111 1.87 14.19 -14.63
C GLU A 111 3.37 14.38 -14.82
N ALA A 112 4.14 13.99 -13.82
CA ALA A 112 5.59 14.12 -13.89
C ALA A 112 6.16 13.26 -15.02
N ARG A 113 5.62 12.04 -15.18
CA ARG A 113 6.08 11.14 -16.23
C ARG A 113 5.71 11.67 -17.60
N GLU A 114 4.51 12.21 -17.73
CA GLU A 114 4.09 12.74 -19.01
C GLU A 114 4.99 13.91 -19.40
N ALA A 115 5.25 14.79 -18.44
CA ALA A 115 6.08 15.96 -18.67
C ALA A 115 7.49 15.59 -19.12
N CYS A 116 8.06 14.54 -18.53
CA CYS A 116 9.40 14.09 -18.89
C CYS A 116 9.44 13.42 -20.27
N GLY A 117 8.29 12.96 -20.73
CA GLY A 117 8.23 12.32 -22.03
C GLY A 117 8.53 10.83 -22.03
N ALA A 118 8.41 10.18 -20.87
CA ALA A 118 8.66 8.75 -20.79
C ALA A 118 7.50 8.02 -21.44
N THR A 119 7.73 6.81 -21.91
CA THR A 119 6.69 6.03 -22.58
C THR A 119 5.71 5.32 -21.64
N THR A 120 4.43 5.53 -21.88
CA THR A 120 3.38 4.88 -21.10
C THR A 120 2.27 4.53 -22.07
N VAL A 121 1.91 3.25 -22.13
CA VAL A 121 0.84 2.82 -23.02
C VAL A 121 -0.38 2.38 -22.21
N TYR A 122 -1.41 3.20 -22.20
CA TYR A 122 -2.63 2.86 -21.47
C TYR A 122 -3.51 1.97 -22.35
N GLN A 123 -4.52 1.38 -21.76
CA GLN A 123 -5.41 0.49 -22.49
C GLN A 123 -4.64 -0.58 -23.25
N ALA A 124 -3.57 -1.08 -22.64
CA ALA A 124 -2.77 -2.13 -23.26
C ALA A 124 -3.43 -3.44 -22.84
N ALA A 125 -4.14 -4.05 -23.77
CA ALA A 125 -4.86 -5.29 -23.51
C ALA A 125 -4.04 -6.55 -23.76
N GLU A 126 -4.51 -7.66 -23.19
CA GLU A 126 -3.89 -8.96 -23.34
C GLU A 126 -2.39 -9.03 -23.09
N VAL A 127 -1.88 -8.29 -22.11
CA VAL A 127 -0.45 -8.32 -21.84
C VAL A 127 0.02 -9.74 -21.50
N ARG A 128 1.03 -10.21 -22.22
CA ARG A 128 1.59 -11.54 -22.01
C ARG A 128 3.11 -11.44 -21.95
N LEU A 129 3.71 -12.21 -21.06
CA LEU A 129 5.16 -12.21 -20.89
C LEU A 129 5.76 -13.39 -21.66
N HIS A 130 6.99 -13.23 -22.17
CA HIS A 130 7.63 -14.28 -22.94
C HIS A 130 9.16 -14.37 -22.73
N ASP A 131 9.70 -15.58 -22.86
CA ASP A 131 11.14 -15.81 -22.74
C ASP A 131 11.79 -15.22 -21.51
N LEU A 132 11.17 -15.42 -20.35
CA LEU A 132 11.69 -14.88 -19.10
C LEU A 132 13.05 -15.46 -18.68
N GLN A 133 13.36 -16.65 -19.17
CA GLN A 133 14.60 -17.32 -18.82
C GLN A 133 15.75 -16.98 -19.76
N GLY A 134 15.45 -16.30 -20.86
CA GLY A 134 16.51 -15.93 -21.79
C GLY A 134 17.10 -14.58 -21.43
N GLU A 135 17.99 -14.07 -22.27
CA GLU A 135 18.58 -12.77 -22.01
C GLU A 135 17.81 -11.72 -22.80
N ARG A 136 16.93 -12.18 -23.68
CA ARG A 136 16.11 -11.29 -24.50
C ARG A 136 14.61 -11.57 -24.34
N PRO A 137 14.05 -11.24 -23.16
CA PRO A 137 12.61 -11.46 -22.93
C PRO A 137 11.79 -10.37 -23.60
N TYR A 138 10.49 -10.60 -23.76
CA TYR A 138 9.64 -9.61 -24.38
C TYR A 138 8.20 -9.72 -23.92
N VAL A 139 7.44 -8.67 -24.22
CA VAL A 139 6.04 -8.60 -23.84
C VAL A 139 5.20 -8.37 -25.08
N THR A 140 4.04 -9.02 -25.15
CA THR A 140 3.16 -8.81 -26.28
C THR A 140 1.86 -8.26 -25.73
N PHE A 141 1.14 -7.51 -26.55
CA PHE A 141 -0.12 -6.92 -26.12
C PHE A 141 -0.90 -6.37 -27.30
N GLU A 142 -2.12 -5.91 -27.03
CA GLU A 142 -2.98 -5.37 -28.07
C GLU A 142 -3.43 -3.96 -27.76
N ARG A 143 -3.30 -3.07 -28.74
CA ARG A 143 -3.69 -1.68 -28.58
C ARG A 143 -4.57 -1.30 -29.76
N ASP A 144 -5.81 -0.94 -29.46
CA ASP A 144 -6.80 -0.56 -30.46
C ASP A 144 -6.92 -1.55 -31.62
N GLY A 145 -6.65 -2.83 -31.35
CA GLY A 145 -6.77 -3.83 -32.40
C GLY A 145 -5.57 -4.71 -32.69
N GLU A 146 -4.50 -4.13 -33.22
CA GLU A 146 -3.30 -4.88 -33.57
C GLU A 146 -2.43 -5.32 -32.40
N ARG A 147 -1.72 -6.43 -32.61
CA ARG A 147 -0.84 -7.00 -31.60
C ARG A 147 0.57 -6.42 -31.74
N LEU A 148 1.10 -5.91 -30.63
CA LEU A 148 2.43 -5.32 -30.64
C LEU A 148 3.38 -6.09 -29.73
N ARG A 149 4.67 -5.97 -30.00
CA ARG A 149 5.68 -6.65 -29.20
C ARG A 149 6.68 -5.65 -28.63
N LEU A 150 7.02 -5.82 -27.36
CA LEU A 150 7.97 -4.96 -26.69
C LEU A 150 9.15 -5.78 -26.18
N ASP A 151 10.32 -5.54 -26.77
CA ASP A 151 11.52 -6.26 -26.36
C ASP A 151 12.17 -5.51 -25.21
N CYS A 152 12.85 -6.24 -24.33
CA CYS A 152 13.48 -5.61 -23.18
C CYS A 152 14.54 -6.51 -22.56
N ASP A 153 15.14 -6.04 -21.47
CA ASP A 153 16.16 -6.82 -20.77
C ASP A 153 15.53 -7.40 -19.51
N TYR A 154 14.66 -6.60 -18.90
CA TYR A 154 14.00 -7.01 -17.67
C TYR A 154 12.54 -6.57 -17.67
N ILE A 155 11.72 -7.32 -16.95
CA ILE A 155 10.31 -7.01 -16.82
C ILE A 155 10.04 -6.84 -15.33
N ALA A 156 9.35 -5.76 -14.98
CA ALA A 156 9.02 -5.51 -13.58
C ALA A 156 7.51 -5.69 -13.47
N GLY A 157 7.10 -6.74 -12.76
CA GLY A 157 5.69 -6.99 -12.59
C GLY A 157 5.14 -6.09 -11.50
N CYS A 158 4.47 -5.01 -11.90
CA CYS A 158 3.88 -4.06 -10.96
C CYS A 158 2.38 -3.98 -11.25
N ASP A 159 1.79 -5.12 -11.61
CA ASP A 159 0.38 -5.15 -11.97
C ASP A 159 -0.64 -5.60 -10.93
N GLY A 160 -0.32 -5.38 -9.65
CA GLY A 160 -1.27 -5.72 -8.60
C GLY A 160 -1.62 -7.18 -8.37
N PHE A 161 -2.45 -7.40 -7.35
CA PHE A 161 -2.85 -8.74 -6.97
C PHE A 161 -3.29 -9.63 -8.12
N HIS A 162 -4.17 -9.11 -8.97
CA HIS A 162 -4.65 -9.87 -10.11
C HIS A 162 -3.90 -9.58 -11.41
N GLY A 163 -2.66 -9.11 -11.29
CA GLY A 163 -1.88 -8.84 -12.48
C GLY A 163 -1.54 -10.12 -13.21
N ILE A 164 -1.06 -10.01 -14.43
CA ILE A 164 -0.68 -11.17 -15.21
C ILE A 164 0.73 -11.67 -14.87
N SER A 165 1.58 -10.77 -14.37
CA SER A 165 2.96 -11.13 -14.07
C SER A 165 3.16 -12.29 -13.09
N ARG A 166 2.42 -12.32 -11.98
CA ARG A 166 2.60 -13.43 -11.04
C ARG A 166 2.06 -14.72 -11.64
N GLN A 167 1.10 -14.61 -12.55
CA GLN A 167 0.52 -15.79 -13.18
C GLN A 167 1.38 -16.25 -14.35
N SER A 168 2.44 -15.51 -14.64
CA SER A 168 3.33 -15.85 -15.75
C SER A 168 4.52 -16.68 -15.28
N ILE A 169 4.54 -16.99 -13.99
CA ILE A 169 5.61 -17.78 -13.41
C ILE A 169 5.06 -19.18 -13.14
N PRO A 170 5.83 -20.24 -13.49
CA PRO A 170 5.38 -21.61 -13.24
C PRO A 170 5.00 -21.75 -11.76
N ALA A 171 3.72 -22.04 -11.52
CA ALA A 171 3.21 -22.17 -10.15
C ALA A 171 4.10 -22.98 -9.23
N GLU A 172 4.65 -24.08 -9.73
CA GLU A 172 5.50 -24.94 -8.92
C GLU A 172 6.81 -24.30 -8.47
N ARG A 173 7.13 -23.15 -9.05
CA ARG A 173 8.34 -22.45 -8.68
C ARG A 173 8.06 -21.49 -7.52
N LEU A 174 6.78 -21.30 -7.22
CA LEU A 174 6.39 -20.39 -6.15
C LEU A 174 5.69 -21.05 -4.96
N LYS A 175 5.81 -20.41 -3.81
CA LYS A 175 5.19 -20.90 -2.59
C LYS A 175 4.30 -19.77 -2.07
N VAL A 176 3.00 -20.04 -1.95
CA VAL A 176 2.04 -19.04 -1.50
C VAL A 176 1.68 -19.13 -0.02
N PHE A 177 1.72 -17.99 0.66
CA PHE A 177 1.40 -17.90 2.08
C PHE A 177 0.23 -16.92 2.14
N GLU A 178 -0.92 -17.38 2.60
CA GLU A 178 -2.07 -16.51 2.60
C GLU A 178 -3.10 -16.70 3.72
N ARG A 179 -3.83 -15.63 4.00
CA ARG A 179 -4.88 -15.65 5.00
C ARG A 179 -5.93 -14.60 4.65
N VAL A 180 -7.19 -15.02 4.64
CA VAL A 180 -8.28 -14.12 4.35
C VAL A 180 -9.02 -13.91 5.66
N TYR A 181 -9.27 -12.65 6.00
CA TYR A 181 -9.96 -12.32 7.24
C TYR A 181 -11.47 -12.35 7.08
N PRO A 182 -12.19 -12.70 8.15
CA PRO A 182 -13.65 -12.80 8.16
C PRO A 182 -14.36 -11.45 8.26
N PHE A 183 -13.87 -10.47 7.50
CA PHE A 183 -14.46 -9.15 7.48
C PHE A 183 -13.77 -8.19 6.52
N GLY A 184 -14.49 -7.15 6.13
CA GLY A 184 -13.96 -6.16 5.23
C GLY A 184 -14.09 -4.78 5.82
N TRP A 185 -13.51 -3.78 5.17
CA TRP A 185 -13.58 -2.40 5.61
C TRP A 185 -14.51 -1.59 4.70
N LEU A 186 -15.53 -0.96 5.28
CA LEU A 186 -16.42 -0.12 4.49
C LEU A 186 -15.84 1.28 4.66
N GLY A 187 -15.33 1.86 3.58
CA GLY A 187 -14.72 3.17 3.66
C GLY A 187 -15.60 4.30 3.12
N LEU A 188 -15.42 5.50 3.66
CA LEU A 188 -16.20 6.63 3.18
C LEU A 188 -15.36 7.89 3.17
N LEU A 189 -15.18 8.45 1.97
CA LEU A 189 -14.42 9.67 1.77
C LEU A 189 -15.44 10.79 1.74
N ALA A 190 -15.27 11.79 2.60
CA ALA A 190 -16.19 12.91 2.67
C ALA A 190 -15.41 14.20 2.65
N ASP A 191 -16.00 15.22 2.04
CA ASP A 191 -15.37 16.53 1.95
C ASP A 191 -15.63 17.31 3.23
N THR A 192 -15.19 16.77 4.36
CA THR A 192 -15.41 17.41 5.65
C THR A 192 -14.12 17.44 6.45
N PRO A 193 -14.00 18.39 7.38
CA PRO A 193 -12.77 18.44 8.18
C PRO A 193 -12.70 17.23 9.10
N PRO A 194 -11.52 16.60 9.19
CA PRO A 194 -11.37 15.43 10.06
C PRO A 194 -11.76 15.74 11.51
N VAL A 195 -12.28 14.73 12.20
CA VAL A 195 -12.70 14.90 13.58
C VAL A 195 -11.49 15.03 14.51
N SER A 196 -10.32 14.65 14.04
CA SER A 196 -9.11 14.74 14.85
C SER A 196 -7.90 15.10 14.00
N HIS A 197 -6.90 15.72 14.61
CA HIS A 197 -5.70 16.11 13.89
C HIS A 197 -4.81 14.90 13.65
N GLU A 198 -5.11 13.81 14.35
CA GLU A 198 -4.36 12.57 14.22
C GLU A 198 -5.34 11.42 14.07
N LEU A 199 -4.90 10.35 13.42
CA LEU A 199 -5.75 9.18 13.23
C LEU A 199 -6.23 8.57 14.55
N ILE A 200 -7.39 7.93 14.49
CA ILE A 200 -7.96 7.29 15.66
C ILE A 200 -8.39 5.88 15.26
N TYR A 201 -7.65 4.89 15.74
CA TYR A 201 -7.97 3.48 15.48
C TYR A 201 -8.85 3.08 16.65
N ALA A 202 -10.02 2.53 16.37
CA ALA A 202 -10.88 2.15 17.48
C ALA A 202 -11.38 0.72 17.48
N ASN A 203 -11.08 0.03 18.57
CA ASN A 203 -11.56 -1.33 18.77
C ASN A 203 -12.79 -1.10 19.62
N HIS A 204 -13.96 -1.47 19.11
CA HIS A 204 -15.19 -1.28 19.85
C HIS A 204 -15.99 -2.57 19.85
N PRO A 205 -16.84 -2.77 20.88
CA PRO A 205 -17.63 -4.01 20.90
C PRO A 205 -18.41 -4.23 19.61
N ARG A 206 -18.90 -3.16 19.01
CA ARG A 206 -19.66 -3.27 17.76
C ARG A 206 -18.77 -3.54 16.55
N GLY A 207 -17.46 -3.32 16.70
CA GLY A 207 -16.54 -3.56 15.60
C GLY A 207 -15.51 -2.46 15.39
N PHE A 208 -14.53 -2.74 14.54
CA PHE A 208 -13.48 -1.78 14.25
C PHE A 208 -14.01 -0.50 13.60
N ALA A 209 -13.32 0.60 13.88
CA ALA A 209 -13.64 1.90 13.32
C ALA A 209 -12.31 2.62 13.21
N LEU A 210 -12.16 3.49 12.21
CA LEU A 210 -10.93 4.25 12.03
C LEU A 210 -11.24 5.61 11.46
N CYS A 211 -10.70 6.65 12.09
CA CYS A 211 -10.90 8.02 11.66
C CYS A 211 -9.60 8.50 11.05
N SER A 212 -9.57 8.62 9.73
CA SER A 212 -8.37 9.10 9.06
C SER A 212 -8.71 10.35 8.24
N GLN A 213 -7.77 10.78 7.40
CA GLN A 213 -7.96 11.98 6.62
C GLN A 213 -7.07 12.04 5.38
N ARG A 214 -7.25 13.11 4.62
CA ARG A 214 -6.47 13.35 3.40
C ARG A 214 -5.95 14.79 3.45
N SER A 215 -6.62 15.64 4.24
CA SER A 215 -6.25 17.04 4.40
C SER A 215 -7.12 17.68 5.46
N ALA A 216 -6.98 18.99 5.63
CA ALA A 216 -7.76 19.73 6.62
C ALA A 216 -9.25 19.81 6.28
N THR A 217 -9.59 19.57 5.01
CA THR A 217 -11.00 19.63 4.60
C THR A 217 -11.50 18.33 3.97
N ARG A 218 -10.72 17.26 4.09
CA ARG A 218 -11.12 15.98 3.52
C ARG A 218 -10.87 14.85 4.49
N SER A 219 -11.91 14.05 4.73
CA SER A 219 -11.81 12.94 5.67
C SER A 219 -12.06 11.57 5.03
N ARG A 220 -11.51 10.54 5.68
CA ARG A 220 -11.64 9.16 5.24
C ARG A 220 -11.93 8.32 6.48
N TYR A 221 -13.14 7.76 6.55
CA TYR A 221 -13.54 6.94 7.68
C TYR A 221 -13.80 5.50 7.24
N TYR A 222 -13.60 4.57 8.16
CA TYR A 222 -13.81 3.16 7.90
C TYR A 222 -14.51 2.49 9.05
N VAL A 223 -15.32 1.48 8.75
CA VAL A 223 -15.98 0.69 9.80
C VAL A 223 -15.87 -0.75 9.33
N GLN A 224 -15.64 -1.65 10.27
CA GLN A 224 -15.54 -3.07 9.96
C GLN A 224 -16.94 -3.57 9.62
N VAL A 225 -17.03 -4.47 8.62
CA VAL A 225 -18.31 -5.07 8.24
C VAL A 225 -18.08 -6.52 7.81
N PRO A 226 -19.06 -7.40 8.07
CA PRO A 226 -18.87 -8.80 7.67
C PRO A 226 -18.82 -8.94 6.15
N LEU A 227 -18.32 -10.08 5.67
CA LEU A 227 -18.19 -10.30 4.22
C LEU A 227 -19.52 -10.28 3.45
N SER A 228 -20.61 -10.57 4.14
CA SER A 228 -21.92 -10.60 3.48
C SER A 228 -22.43 -9.22 3.05
N GLU A 229 -21.94 -8.17 3.70
CA GLU A 229 -22.39 -6.81 3.40
C GLU A 229 -22.05 -6.31 2.00
N LYS A 230 -23.03 -5.65 1.38
CA LYS A 230 -22.88 -5.08 0.05
C LYS A 230 -22.89 -3.57 0.26
N VAL A 231 -22.05 -2.86 -0.47
CA VAL A 231 -21.97 -1.41 -0.32
C VAL A 231 -23.32 -0.71 -0.62
N GLU A 232 -24.13 -1.28 -1.51
CA GLU A 232 -25.42 -0.67 -1.82
C GLU A 232 -26.42 -0.69 -0.66
N ASP A 233 -26.13 -1.45 0.39
CA ASP A 233 -27.00 -1.53 1.54
C ASP A 233 -26.63 -0.49 2.61
N TRP A 234 -25.55 0.25 2.36
CA TRP A 234 -25.09 1.26 3.31
C TRP A 234 -25.18 2.70 2.81
N SER A 235 -26.25 3.39 3.21
CA SER A 235 -26.45 4.78 2.84
C SER A 235 -25.48 5.61 3.67
N ASP A 236 -25.17 6.82 3.23
CA ASP A 236 -24.26 7.68 3.98
C ASP A 236 -24.76 7.80 5.41
N GLU A 237 -26.07 7.94 5.57
CA GLU A 237 -26.68 8.05 6.88
C GLU A 237 -26.38 6.85 7.77
N ARG A 238 -26.57 5.66 7.24
CA ARG A 238 -26.32 4.44 8.01
C ARG A 238 -24.85 4.37 8.42
N PHE A 239 -23.96 4.78 7.53
CA PHE A 239 -22.54 4.77 7.83
C PHE A 239 -22.21 5.68 8.99
N TRP A 240 -22.60 6.95 8.88
CA TRP A 240 -22.33 7.93 9.92
C TRP A 240 -22.89 7.49 11.27
N THR A 241 -24.11 6.97 11.26
CA THR A 241 -24.74 6.52 12.48
C THR A 241 -23.91 5.40 13.11
N GLU A 242 -23.53 4.40 12.32
CA GLU A 242 -22.74 3.29 12.85
C GLU A 242 -21.35 3.75 13.27
N LEU A 243 -20.73 4.61 12.47
CA LEU A 243 -19.40 5.09 12.82
C LEU A 243 -19.45 5.75 14.19
N LYS A 244 -20.40 6.68 14.36
CA LYS A 244 -20.55 7.40 15.62
C LYS A 244 -20.70 6.44 16.79
N ALA A 245 -21.50 5.39 16.60
CA ALA A 245 -21.74 4.40 17.64
C ALA A 245 -20.47 3.64 18.06
N ARG A 246 -19.46 3.58 17.19
CA ARG A 246 -18.23 2.87 17.52
C ARG A 246 -17.11 3.79 18.02
N LEU A 247 -17.40 5.08 18.15
CA LEU A 247 -16.40 6.04 18.60
C LEU A 247 -16.73 6.63 19.97
N PRO A 248 -15.71 7.14 20.69
CA PRO A 248 -15.96 7.73 22.01
C PRO A 248 -16.98 8.86 21.81
N SER A 249 -17.95 8.97 22.72
CA SER A 249 -18.97 10.00 22.62
C SER A 249 -18.40 11.41 22.41
N GLU A 250 -17.29 11.71 23.08
CA GLU A 250 -16.69 13.03 22.94
C GLU A 250 -16.16 13.29 21.53
N VAL A 251 -16.02 12.23 20.75
CA VAL A 251 -15.54 12.35 19.38
C VAL A 251 -16.72 12.35 18.42
N ALA A 252 -17.68 11.46 18.65
CA ALA A 252 -18.86 11.39 17.81
C ALA A 252 -19.67 12.68 17.86
N GLU A 253 -19.71 13.30 19.04
CA GLU A 253 -20.46 14.53 19.24
C GLU A 253 -20.03 15.70 18.36
N LYS A 254 -18.71 15.84 18.16
CA LYS A 254 -18.19 16.94 17.36
C LYS A 254 -17.83 16.55 15.91
N LEU A 255 -18.08 15.30 15.54
CA LEU A 255 -17.77 14.82 14.20
C LEU A 255 -18.63 15.54 13.17
N VAL A 256 -17.98 16.10 12.15
CA VAL A 256 -18.69 16.79 11.09
C VAL A 256 -18.91 15.79 9.96
N THR A 257 -20.17 15.47 9.71
CA THR A 257 -20.54 14.51 8.67
C THR A 257 -20.85 15.24 7.37
N GLY A 258 -21.11 14.48 6.32
CA GLY A 258 -21.41 15.07 5.02
C GLY A 258 -21.56 13.99 3.97
N PRO A 259 -22.02 14.33 2.77
CA PRO A 259 -22.18 13.34 1.70
C PRO A 259 -20.85 12.74 1.22
N SER A 260 -20.86 11.45 0.95
CA SER A 260 -19.67 10.75 0.53
C SER A 260 -19.24 11.08 -0.89
N LEU A 261 -17.92 11.16 -1.08
CA LEU A 261 -17.35 11.41 -2.39
C LEU A 261 -17.09 10.02 -2.97
N GLU A 262 -16.93 9.05 -2.06
CA GLU A 262 -16.68 7.67 -2.46
C GLU A 262 -16.89 6.73 -1.28
N LYS A 263 -17.59 5.64 -1.55
CA LYS A 263 -17.85 4.60 -0.55
C LYS A 263 -17.58 3.27 -1.22
N SER A 264 -17.04 2.32 -0.48
CA SER A 264 -16.76 0.99 -1.00
C SER A 264 -16.34 0.06 0.11
N ILE A 265 -16.40 -1.24 -0.17
CA ILE A 265 -16.02 -2.26 0.80
C ILE A 265 -14.81 -3.04 0.33
N ALA A 266 -13.76 -3.01 1.13
CA ALA A 266 -12.52 -3.69 0.80
C ALA A 266 -12.29 -4.86 1.75
N PRO A 267 -12.18 -6.09 1.21
CA PRO A 267 -11.95 -7.27 2.04
C PRO A 267 -10.52 -7.27 2.55
N LEU A 268 -10.30 -7.86 3.72
CA LEU A 268 -8.97 -7.90 4.31
C LEU A 268 -8.26 -9.23 4.04
N ARG A 269 -6.99 -9.13 3.66
CA ARG A 269 -6.19 -10.30 3.34
C ARG A 269 -4.70 -10.10 3.50
N SER A 270 -4.01 -11.18 3.83
CA SER A 270 -2.56 -11.19 3.96
C SER A 270 -2.14 -12.17 2.88
N PHE A 271 -1.13 -11.82 2.12
CA PHE A 271 -0.67 -12.68 1.03
C PHE A 271 0.79 -12.41 0.72
N VAL A 272 1.54 -13.49 0.53
CA VAL A 272 2.95 -13.40 0.19
C VAL A 272 3.35 -14.59 -0.68
N VAL A 273 4.16 -14.34 -1.71
CA VAL A 273 4.66 -15.40 -2.57
C VAL A 273 6.18 -15.38 -2.45
N GLU A 274 6.78 -16.56 -2.55
CA GLU A 274 8.23 -16.74 -2.48
C GLU A 274 8.64 -17.75 -3.55
N PRO A 275 9.61 -17.41 -4.41
CA PRO A 275 10.32 -16.13 -4.40
C PRO A 275 9.46 -15.05 -5.07
N MET A 276 10.06 -13.90 -5.37
CA MET A 276 9.36 -12.78 -5.99
C MET A 276 9.91 -12.50 -7.38
N GLN A 277 10.65 -13.45 -7.93
CA GLN A 277 11.23 -13.25 -9.25
C GLN A 277 11.34 -14.57 -9.99
N HIS A 278 11.62 -14.47 -11.29
CA HIS A 278 11.76 -15.65 -12.13
C HIS A 278 12.46 -15.25 -13.43
N GLY A 279 13.74 -15.59 -13.53
CA GLY A 279 14.48 -15.21 -14.73
C GLY A 279 14.58 -13.70 -14.79
N ARG A 280 14.18 -13.13 -15.92
CA ARG A 280 14.23 -11.68 -16.11
C ARG A 280 12.99 -10.98 -15.55
N LEU A 281 12.15 -11.71 -14.83
CA LEU A 281 10.93 -11.14 -14.25
C LEU A 281 10.99 -10.90 -12.74
N PHE A 282 10.70 -9.67 -12.34
CA PHE A 282 10.70 -9.29 -10.93
C PHE A 282 9.34 -8.73 -10.53
N LEU A 283 8.78 -9.25 -9.45
CA LEU A 283 7.47 -8.80 -8.97
C LEU A 283 7.66 -7.73 -7.91
N ALA A 284 6.79 -6.72 -7.94
CA ALA A 284 6.86 -5.63 -6.97
C ALA A 284 5.46 -5.22 -6.53
N GLY A 285 5.35 -4.84 -5.26
CA GLY A 285 4.08 -4.41 -4.71
C GLY A 285 3.05 -5.51 -4.63
N ASP A 286 1.79 -5.12 -4.75
CA ASP A 286 0.65 -6.04 -4.69
C ASP A 286 0.75 -7.25 -5.60
N ALA A 287 1.63 -7.21 -6.60
CA ALA A 287 1.78 -8.34 -7.50
C ALA A 287 2.44 -9.48 -6.74
N ALA A 288 3.20 -9.12 -5.71
CA ALA A 288 3.91 -10.11 -4.91
C ALA A 288 3.35 -10.34 -3.51
N HIS A 289 2.65 -9.36 -2.95
CA HIS A 289 2.15 -9.52 -1.60
C HIS A 289 1.04 -8.55 -1.22
N ILE A 290 0.19 -8.97 -0.29
CA ILE A 290 -0.92 -8.15 0.17
C ILE A 290 -0.95 -8.13 1.69
N VAL A 291 -1.35 -7.00 2.26
CA VAL A 291 -1.47 -6.86 3.70
C VAL A 291 -2.80 -6.20 4.01
N PRO A 292 -3.35 -6.45 5.20
CA PRO A 292 -4.63 -5.81 5.55
C PRO A 292 -4.26 -4.32 5.74
N PRO A 293 -5.19 -3.40 5.44
CA PRO A 293 -4.91 -1.96 5.59
C PRO A 293 -4.61 -1.47 7.00
N THR A 294 -4.98 -2.28 8.00
CA THR A 294 -4.80 -1.94 9.40
C THR A 294 -3.46 -1.34 9.77
N GLY A 295 -2.39 -1.82 9.13
CA GLY A 295 -1.07 -1.32 9.44
C GLY A 295 -0.51 -0.26 8.49
N ALA A 296 -1.28 0.08 7.46
CA ALA A 296 -0.85 1.07 6.47
C ALA A 296 0.51 0.69 5.90
N LYS A 297 0.63 -0.56 5.46
CA LYS A 297 1.89 -1.06 4.91
C LYS A 297 1.90 -1.39 3.42
N GLY A 298 0.71 -1.62 2.85
CA GLY A 298 0.63 -1.98 1.44
C GLY A 298 1.45 -1.15 0.47
N LEU A 299 1.10 0.14 0.36
CA LEU A 299 1.79 1.04 -0.54
C LEU A 299 3.25 1.22 -0.12
N ASN A 300 3.49 1.24 1.18
CA ASN A 300 4.84 1.41 1.68
C ASN A 300 5.78 0.23 1.39
N LEU A 301 5.22 -0.97 1.21
CA LEU A 301 6.04 -2.13 0.89
C LEU A 301 6.32 -2.08 -0.60
N ALA A 302 5.37 -1.54 -1.35
CA ALA A 302 5.55 -1.40 -2.79
C ALA A 302 6.74 -0.44 -2.95
N ALA A 303 6.77 0.60 -2.12
CA ALA A 303 7.85 1.57 -2.16
C ALA A 303 9.21 0.90 -1.91
N SER A 304 9.30 0.12 -0.84
CA SER A 304 10.55 -0.55 -0.51
C SER A 304 10.95 -1.60 -1.56
N ASP A 305 9.97 -2.26 -2.18
CA ASP A 305 10.31 -3.25 -3.21
C ASP A 305 10.94 -2.46 -4.36
N VAL A 306 10.25 -1.40 -4.78
CA VAL A 306 10.70 -0.54 -5.86
C VAL A 306 12.10 0.05 -5.61
N SER A 307 12.34 0.54 -4.39
CA SER A 307 13.64 1.11 -4.08
C SER A 307 14.74 0.05 -4.27
N THR A 308 14.47 -1.15 -3.74
CA THR A 308 15.39 -2.27 -3.84
C THR A 308 15.65 -2.68 -5.29
N LEU A 309 14.58 -2.88 -6.05
CA LEU A 309 14.72 -3.29 -7.46
C LEU A 309 15.45 -2.23 -8.28
N TYR A 310 15.10 -0.97 -8.08
CA TYR A 310 15.71 0.14 -8.78
C TYR A 310 17.22 0.19 -8.54
N ARG A 311 17.62 0.13 -7.28
CA ARG A 311 19.03 0.17 -6.94
C ARG A 311 19.81 -1.04 -7.47
N LEU A 312 19.15 -2.19 -7.59
CA LEU A 312 19.80 -3.37 -8.13
C LEU A 312 19.92 -3.21 -9.64
N LEU A 313 18.91 -2.60 -10.26
CA LEU A 313 18.93 -2.38 -11.70
C LEU A 313 20.00 -1.36 -12.07
N LEU A 314 20.26 -0.41 -11.16
CA LEU A 314 21.30 0.58 -11.39
C LEU A 314 22.63 -0.16 -11.41
N LYS A 315 22.86 -0.97 -10.38
CA LYS A 315 24.09 -1.75 -10.29
C LYS A 315 24.29 -2.53 -11.57
N ALA A 316 23.21 -3.14 -12.05
CA ALA A 316 23.24 -3.94 -13.27
C ALA A 316 23.61 -3.17 -14.54
N TYR A 317 22.93 -2.07 -14.81
CA TYR A 317 23.19 -1.27 -16.00
C TYR A 317 24.44 -0.38 -15.90
N ARG A 318 24.54 0.37 -14.82
CA ARG A 318 25.67 1.27 -14.64
C ARG A 318 26.98 0.57 -14.30
N GLU A 319 26.89 -0.51 -13.53
CA GLU A 319 28.09 -1.23 -13.10
C GLU A 319 28.26 -2.63 -13.67
N GLY A 320 27.41 -2.99 -14.62
CA GLY A 320 27.50 -4.32 -15.22
C GLY A 320 27.48 -5.44 -14.20
N ARG A 321 26.88 -5.20 -13.04
CA ARG A 321 26.79 -6.21 -11.99
C ARG A 321 25.37 -6.79 -11.93
N GLY A 322 24.99 -7.46 -13.01
CA GLY A 322 23.67 -8.04 -13.09
C GLY A 322 23.38 -9.23 -12.18
N GLU A 323 24.42 -9.86 -11.65
CA GLU A 323 24.22 -11.00 -10.76
C GLU A 323 23.60 -10.60 -9.43
N LEU A 324 23.70 -9.32 -9.08
CA LEU A 324 23.13 -8.85 -7.82
C LEU A 324 21.61 -8.94 -7.83
N LEU A 325 21.01 -8.85 -9.01
CA LEU A 325 19.55 -8.93 -9.13
C LEU A 325 19.02 -10.25 -8.56
N GLU A 326 19.93 -11.19 -8.31
CA GLU A 326 19.56 -12.49 -7.77
C GLU A 326 19.16 -12.39 -6.31
N ARG A 327 19.55 -11.30 -5.66
CA ARG A 327 19.26 -11.09 -4.24
C ARG A 327 17.97 -10.30 -3.99
N TYR A 328 17.30 -9.90 -5.06
CA TYR A 328 16.05 -9.14 -4.94
C TYR A 328 15.06 -9.75 -3.94
N SER A 329 14.57 -10.95 -4.25
CA SER A 329 13.60 -11.64 -3.41
C SER A 329 14.01 -11.74 -1.95
N ALA A 330 15.22 -12.23 -1.70
CA ALA A 330 15.69 -12.38 -0.32
C ALA A 330 15.63 -11.06 0.43
N ILE A 331 16.15 -10.00 -0.17
CA ILE A 331 16.14 -8.68 0.46
C ILE A 331 14.73 -8.22 0.74
N CYS A 332 13.91 -8.16 -0.30
CA CYS A 332 12.53 -7.71 -0.14
C CYS A 332 11.72 -8.52 0.86
N LEU A 333 11.82 -9.85 0.79
CA LEU A 333 11.07 -10.71 1.69
C LEU A 333 11.31 -10.45 3.18
N ARG A 334 12.55 -10.09 3.53
CA ARG A 334 12.85 -9.82 4.94
C ARG A 334 12.01 -8.65 5.48
N ARG A 335 11.88 -7.58 4.70
CA ARG A 335 11.10 -6.42 5.14
C ARG A 335 9.62 -6.74 5.03
N ILE A 336 9.25 -7.46 3.97
CA ILE A 336 7.87 -7.84 3.74
C ILE A 336 7.29 -8.62 4.92
N TRP A 337 7.95 -9.71 5.32
CA TRP A 337 7.45 -10.51 6.42
C TRP A 337 7.30 -9.74 7.73
N LYS A 338 8.27 -8.88 8.03
CA LYS A 338 8.16 -8.11 9.26
C LYS A 338 6.95 -7.17 9.16
N ALA A 339 6.70 -6.64 7.96
CA ALA A 339 5.56 -5.76 7.76
C ALA A 339 4.26 -6.57 7.79
N GLU A 340 4.31 -7.79 7.27
CA GLU A 340 3.14 -8.68 7.28
C GLU A 340 2.76 -9.02 8.73
N ARG A 341 3.78 -9.29 9.55
CA ARG A 341 3.56 -9.63 10.95
C ARG A 341 2.89 -8.47 11.69
N PHE A 342 3.40 -7.27 11.48
CA PHE A 342 2.82 -6.09 12.13
C PHE A 342 1.38 -5.87 11.68
N SER A 343 1.15 -5.93 10.36
CA SER A 343 -0.17 -5.72 9.79
C SER A 343 -1.18 -6.74 10.33
N TRP A 344 -0.69 -7.96 10.54
CA TRP A 344 -1.52 -9.04 11.08
C TRP A 344 -1.83 -8.78 12.56
N TRP A 345 -0.82 -8.32 13.30
CA TRP A 345 -1.01 -8.04 14.71
C TRP A 345 -2.02 -6.90 14.88
N MET A 346 -1.81 -5.80 14.18
CA MET A 346 -2.71 -4.64 14.24
C MET A 346 -4.14 -5.09 13.95
N THR A 347 -4.27 -5.88 12.89
CA THR A 347 -5.58 -6.39 12.49
C THR A 347 -6.15 -7.24 13.60
N SER A 348 -5.30 -8.11 14.15
CA SER A 348 -5.68 -9.03 15.21
C SER A 348 -6.18 -8.38 16.50
N VAL A 349 -5.55 -7.30 16.93
CA VAL A 349 -5.94 -6.66 18.18
C VAL A 349 -7.00 -5.55 18.05
N LEU A 350 -7.30 -5.14 16.82
CA LEU A 350 -8.28 -4.07 16.63
C LEU A 350 -9.65 -4.48 16.08
N HIS A 351 -9.77 -5.66 15.50
CA HIS A 351 -11.04 -6.09 14.94
C HIS A 351 -11.81 -7.09 15.80
N ARG A 352 -13.12 -7.14 15.58
CA ARG A 352 -13.93 -8.09 16.31
C ARG A 352 -14.07 -9.29 15.37
N PHE A 353 -13.69 -10.46 15.86
CA PHE A 353 -13.76 -11.67 15.06
C PHE A 353 -14.98 -12.46 15.49
N PRO A 354 -15.69 -13.04 14.53
CA PRO A 354 -16.87 -13.83 14.88
C PRO A 354 -16.43 -15.11 15.59
N ASP A 355 -17.27 -15.61 16.50
CA ASP A 355 -16.95 -16.83 17.23
C ASP A 355 -15.67 -16.69 18.05
N THR A 356 -15.61 -15.67 18.88
CA THR A 356 -14.46 -15.44 19.74
C THR A 356 -14.87 -15.89 21.14
N ASP A 357 -14.15 -16.85 21.72
CA ASP A 357 -14.50 -17.29 23.07
C ASP A 357 -14.02 -16.28 24.11
N ALA A 358 -14.48 -16.44 25.34
CA ALA A 358 -14.14 -15.54 26.44
C ALA A 358 -12.64 -15.32 26.65
N PHE A 359 -11.84 -16.37 26.52
CA PHE A 359 -10.41 -16.21 26.71
C PHE A 359 -9.79 -15.30 25.65
N SER A 360 -10.04 -15.60 24.38
CA SER A 360 -9.51 -14.79 23.27
C SER A 360 -9.85 -13.32 23.42
N GLN A 361 -11.07 -13.04 23.87
CA GLN A 361 -11.52 -11.68 24.06
C GLN A 361 -10.68 -10.98 25.12
N ARG A 362 -10.45 -11.67 26.24
CA ARG A 362 -9.65 -11.11 27.32
C ARG A 362 -8.21 -10.91 26.90
N ILE A 363 -7.68 -11.83 26.10
CA ILE A 363 -6.31 -11.71 25.65
C ILE A 363 -6.17 -10.49 24.73
N GLN A 364 -7.12 -10.31 23.82
CA GLN A 364 -7.07 -9.18 22.91
C GLN A 364 -7.09 -7.89 23.71
N GLN A 365 -7.97 -7.82 24.70
CA GLN A 365 -8.08 -6.64 25.54
C GLN A 365 -6.76 -6.39 26.28
N THR A 366 -6.15 -7.46 26.79
CA THR A 366 -4.89 -7.36 27.53
C THR A 366 -3.72 -7.00 26.62
N GLU A 367 -3.76 -7.42 25.37
CA GLU A 367 -2.70 -7.09 24.42
C GLU A 367 -2.63 -5.57 24.30
N LEU A 368 -3.79 -4.93 24.15
CA LEU A 368 -3.87 -3.49 24.03
C LEU A 368 -3.37 -2.84 25.32
N GLU A 369 -3.93 -3.27 26.45
CA GLU A 369 -3.52 -2.72 27.73
C GLU A 369 -2.01 -2.82 27.94
N TYR A 370 -1.42 -3.97 27.64
CA TYR A 370 0.02 -4.13 27.82
C TYR A 370 0.83 -3.28 26.84
N TYR A 371 0.62 -3.48 25.55
CA TYR A 371 1.36 -2.74 24.54
C TYR A 371 1.17 -1.23 24.64
N LEU A 372 -0.05 -0.80 24.94
CA LEU A 372 -0.33 0.63 25.07
C LEU A 372 0.07 1.17 26.44
N GLY A 373 0.30 0.27 27.39
CA GLY A 373 0.68 0.71 28.73
C GLY A 373 2.12 0.44 29.15
N SER A 374 2.98 0.14 28.20
CA SER A 374 4.39 -0.13 28.47
C SER A 374 5.29 0.63 27.51
N GLU A 375 6.33 1.26 28.04
CA GLU A 375 7.25 2.00 27.19
C GLU A 375 7.83 1.11 26.11
N ALA A 376 8.21 -0.11 26.49
CA ALA A 376 8.77 -1.06 25.52
C ALA A 376 7.67 -1.49 24.56
N GLY A 377 6.45 -1.66 25.08
CA GLY A 377 5.34 -2.06 24.25
C GLY A 377 5.02 -1.00 23.22
N LEU A 378 4.82 0.22 23.70
CA LEU A 378 4.53 1.35 22.81
C LEU A 378 5.63 1.46 21.75
N ALA A 379 6.87 1.19 22.14
CA ALA A 379 7.98 1.29 21.19
C ALA A 379 7.88 0.27 20.05
N THR A 380 7.45 -0.96 20.34
CA THR A 380 7.34 -1.96 19.28
C THR A 380 6.28 -1.53 18.27
N ILE A 381 5.27 -0.82 18.76
CA ILE A 381 4.18 -0.36 17.90
C ILE A 381 4.67 0.80 17.03
N ALA A 382 5.19 1.84 17.68
CA ALA A 382 5.68 3.02 16.97
C ALA A 382 6.75 2.72 15.92
N GLU A 383 7.80 2.01 16.30
CA GLU A 383 8.86 1.72 15.34
C GLU A 383 8.34 0.94 14.13
N ASN A 384 7.35 0.09 14.36
CA ASN A 384 6.77 -0.69 13.28
C ASN A 384 5.83 0.14 12.44
N TYR A 385 5.09 1.03 13.08
CA TYR A 385 4.16 1.90 12.38
C TYR A 385 4.89 2.86 11.42
N VAL A 386 5.95 3.51 11.91
CA VAL A 386 6.70 4.41 11.05
C VAL A 386 7.43 3.61 9.97
N GLY A 387 7.53 2.30 10.18
CA GLY A 387 8.19 1.43 9.24
C GLY A 387 9.64 1.15 9.60
N LEU A 388 10.06 -0.10 9.44
CA LEU A 388 11.43 -0.47 9.75
C LEU A 388 12.35 0.03 8.64
N PRO A 389 13.63 0.28 8.98
CA PRO A 389 14.60 0.77 8.00
C PRO A 389 14.81 -0.11 6.76
N TYR A 390 15.11 0.53 5.63
CA TYR A 390 15.35 -0.17 4.37
C TYR A 390 16.71 -0.87 4.50
N GLU A 391 16.83 -2.06 3.94
CA GLU A 391 18.08 -2.80 3.99
C GLU A 391 19.04 -2.23 2.93
N GLU A 392 20.22 -1.81 3.38
CA GLU A 392 21.23 -1.20 2.53
C GLU A 392 21.59 -1.89 1.22
N ILE A 393 21.54 -3.22 1.18
CA ILE A 393 21.89 -3.98 -0.02
C ILE A 393 23.41 -3.98 -0.17
N GLU A 394 23.91 -4.52 -1.27
CA GLU A 394 25.35 -4.58 -1.52
C GLU A 394 26.07 -5.38 -0.44
S SO4 B . -10.14 -0.16 -5.24
O1 SO4 B . -11.57 0.13 -5.06
O2 SO4 B . -9.91 -0.56 -6.64
O3 SO4 B . -9.74 -1.27 -4.33
O4 SO4 B . -9.34 1.02 -4.91
S SO4 C . -0.56 22.78 -8.78
O1 SO4 C . -1.60 23.67 -9.33
O2 SO4 C . 0.22 22.18 -9.88
O3 SO4 C . -1.20 21.71 -7.98
O4 SO4 C . 0.35 23.57 -7.92
S SO4 D . 20.84 -12.63 0.86
O1 SO4 D . 20.58 -11.24 1.27
O2 SO4 D . 20.38 -12.81 -0.53
O3 SO4 D . 20.15 -13.57 1.76
O4 SO4 D . 22.30 -12.88 0.91
PA RFL E . -1.98 -1.32 -7.84
OA1 RFL E . -2.31 -0.02 -7.19
OA2 RFL E . -2.99 -2.41 -7.86
O5' RFL E . -1.55 -1.03 -9.34
C5' RFL E . -1.33 -2.05 -10.33
C4' RFL E . -1.69 -1.62 -11.78
O4' RFL E . -1.60 -2.78 -12.63
C1' RFL E . -2.66 -2.74 -13.57
N9 RFL E . -2.89 -4.07 -14.20
C4 RFL E . -2.45 -4.45 -15.45
N3 RFL E . -1.82 -3.69 -16.37
C2 RFL E . -1.53 -4.41 -17.43
N1 RFL E . -1.77 -5.70 -17.67
C6 RFL E . -2.39 -6.42 -16.73
N6 RFL E . -2.55 -7.74 -16.87
C5 RFL E . -2.76 -5.78 -15.56
N7 RFL E . -3.39 -6.24 -14.44
C8 RFL E . -3.45 -5.20 -13.66
C2' RFL E . -3.81 -2.19 -12.77
O2' RFL E . -4.85 -1.71 -13.60
C3' RFL E . -3.15 -1.15 -11.89
O3' RFL E . -3.25 0.18 -12.45
OA3 RFL E . -0.59 -1.97 -7.26
PF RFL E . 0.76 -1.34 -6.76
OF1 RFL E . 1.21 -0.33 -7.72
OF2 RFL E . 1.66 -2.43 -6.36
O5R RFL E . 0.31 -0.57 -5.43
C5R RFL E . -0.25 -1.23 -4.34
C4R RFL E . -1.16 -0.32 -3.52
O4R RFL E . -2.25 0.10 -4.36
C3R RFL E . -1.70 -0.98 -2.20
O3R RFL E . -0.70 -1.79 -1.56
C2R RFL E . -2.17 0.06 -1.18
O2R RFL E . -3.13 0.98 -1.72
C1R RFL E . -2.65 -0.57 0.17
N10 RFL E . -3.24 0.37 1.16
C10 RFL E . -2.38 1.20 2.05
N1F RFL E . -1.04 1.11 1.98
C2F RFL E . -0.26 1.93 2.75
O2F RFL E . 0.96 1.81 2.79
N3F RFL E . -0.90 2.85 3.55
C4F RFL E . -2.29 3.01 3.68
O4F RFL E . -2.70 3.98 4.36
C4A RFL E . -3.08 2.08 2.88
N5F RFL E . -4.47 2.10 3.07
C9A RFL E . -4.70 0.46 1.21
C5A RFL E . -5.21 1.28 2.24
C9F RFL E . -5.62 -0.21 0.40
C8F RFL E . -7.02 -0.20 0.47
N8M RFL E . -7.67 -0.81 -0.59
CM1 RFL E . -8.97 -0.45 -1.13
CM2 RFL E . -7.09 -1.90 -1.39
C6F RFL E . -6.63 1.30 2.37
C7F RFL E . -7.55 0.62 1.60
C7M RFL E . -8.99 0.56 2.20
C1' PHB F . -6.58 5.90 5.16
O1' PHB F . -7.25 5.67 4.13
O2' PHB F . -6.41 7.09 5.43
C1 PHB F . -5.97 4.88 5.96
C2 PHB F . -6.00 3.51 5.62
C3 PHB F . -5.42 2.56 6.46
C4 PHB F . -4.80 2.93 7.63
C5 PHB F . -4.75 4.26 7.97
C6 PHB F . -5.32 5.21 7.15
O4 PHB F . -4.21 2.03 8.50
#